data_2DIE
#
_entry.id   2DIE
#
_cell.length_a   174.577
_cell.length_b   41.467
_cell.length_c   74.855
_cell.angle_alpha   90
_cell.angle_beta   92.24
_cell.angle_gamma   90
#
_symmetry.space_group_name_H-M   'C 1 2 1'
#
loop_
_entity.id
_entity.type
_entity.pdbx_description
1 polymer amylase
2 non-polymer 'CALCIUM ION'
3 non-polymer 'SODIUM ION'
4 water water
#
_entity_poly.entity_id   1
_entity_poly.type   'polypeptide(L)'
_entity_poly.pdbx_seq_one_letter_code
;HHNGTNGTMMQYFEWHLPNDGNHWNRLRDDAANLKSKGITAVWIPPAWKGTSQNDVGYGAYDLYDLGEFNQKGTVRTKYG
TRSQLQGAVTSLKNNGIQVYGDVVMNHKGGADGTEMVNAVEVNRSNRNQEISGEYTIEAWTKFDFPGRGNTHSNFKWRWY
HFDGTDWDQSRQLQNKIYKFRGTGKAWDWEVDIENGNYDYLMYADIDMDHPEVINELRNWGVWYTNTLNLDGFRIDAVKH
IKYSYTRDWLTHVRNTTGKPMFAVAEFWKNDLAAIENYLNKTSWNHSVFDVPLHYNLYNASNSGGYFDMRNILNGSVVQK
HPIHAVTFVDNHDSQPGEALESFVQSWFKPLAYALILTREQGYPSVFYGDYYGIPTHGVPSMKSKIDPLLQARQTYAYGT
QHDYFDHHDIIGWTREGDSSHPNSGLATIMSDGPGGNKWMYVGKHKAGQVWRDITGNRSGTVTINADGWGNFTVNGGAVS
VWVKQ
;
_entity_poly.pdbx_strand_id   A
#
# COMPACT_ATOMS: atom_id res chain seq x y z
N THR A 5 -19.46 -6.33 -7.79
CA THR A 5 -18.27 -6.53 -8.65
C THR A 5 -17.00 -6.61 -7.79
N ASN A 6 -16.00 -7.32 -8.29
CA ASN A 6 -14.74 -7.49 -7.57
C ASN A 6 -13.92 -6.20 -7.56
N GLY A 7 -13.69 -5.64 -6.39
CA GLY A 7 -12.91 -4.41 -6.31
C GLY A 7 -11.43 -4.67 -6.55
N THR A 8 -10.76 -3.71 -7.16
CA THR A 8 -9.33 -3.82 -7.44
C THR A 8 -8.71 -2.44 -7.41
N MET A 9 -7.73 -2.22 -6.55
CA MET A 9 -7.09 -0.93 -6.49
C MET A 9 -5.74 -0.97 -7.18
N MET A 10 -5.14 0.20 -7.38
CA MET A 10 -3.86 0.29 -8.04
C MET A 10 -2.99 1.36 -7.40
N GLN A 11 -1.78 0.98 -6.98
CA GLN A 11 -0.87 1.97 -6.43
C GLN A 11 -0.38 2.68 -7.68
N TYR A 12 -0.89 3.87 -7.94
CA TYR A 12 -0.50 4.60 -9.14
C TYR A 12 0.78 5.42 -9.04
N PHE A 13 1.86 4.73 -8.70
CA PHE A 13 3.18 5.33 -8.60
C PHE A 13 4.22 4.32 -8.13
N GLU A 14 5.49 4.65 -8.36
CA GLU A 14 6.62 3.83 -7.93
C GLU A 14 7.64 4.85 -7.43
N TRP A 15 8.69 4.38 -6.79
CA TRP A 15 9.70 5.27 -6.22
C TRP A 15 10.53 6.10 -7.18
N HIS A 16 10.81 5.56 -8.37
CA HIS A 16 11.63 6.30 -9.33
C HIS A 16 10.92 6.98 -10.48
N LEU A 17 9.71 7.44 -10.23
CA LEU A 17 8.92 8.16 -11.23
C LEU A 17 9.74 9.41 -11.57
N PRO A 18 9.62 9.93 -12.80
CA PRO A 18 10.41 11.13 -13.14
C PRO A 18 9.87 12.40 -12.50
N ASN A 19 10.77 13.31 -12.16
CA ASN A 19 10.36 14.57 -11.56
C ASN A 19 10.09 15.54 -12.71
N ASP A 20 8.99 15.32 -13.42
CA ASP A 20 8.64 16.18 -14.55
C ASP A 20 7.32 16.90 -14.37
N GLY A 21 6.67 16.69 -13.22
CA GLY A 21 5.41 17.36 -12.96
C GLY A 21 4.23 17.01 -13.85
N ASN A 22 4.29 15.85 -14.50
CA ASN A 22 3.21 15.42 -15.38
C ASN A 22 2.49 14.17 -14.93
N HIS A 23 2.76 13.71 -13.71
CA HIS A 23 2.12 12.49 -13.23
C HIS A 23 0.61 12.59 -13.04
N TRP A 24 0.12 13.74 -12.54
CA TRP A 24 -1.32 13.90 -12.37
C TRP A 24 -1.94 13.94 -13.77
N ASN A 25 -1.23 14.55 -14.73
CA ASN A 25 -1.73 14.62 -16.10
C ASN A 25 -1.83 13.21 -16.70
N ARG A 26 -0.87 12.36 -16.37
CA ARG A 26 -0.88 10.98 -16.85
C ARG A 26 -2.06 10.20 -16.24
N LEU A 27 -2.27 10.37 -14.93
CA LEU A 27 -3.36 9.69 -14.25
C LEU A 27 -4.68 10.11 -14.88
N ARG A 28 -4.83 11.43 -15.07
CA ARG A 28 -6.03 12.00 -15.68
C ARG A 28 -6.36 11.33 -17.01
N ASP A 29 -5.35 11.25 -17.87
CA ASP A 29 -5.49 10.68 -19.20
C ASP A 29 -5.51 9.16 -19.22
N ASP A 30 -5.24 8.53 -18.07
CA ASP A 30 -5.23 7.07 -17.98
C ASP A 30 -6.54 6.56 -17.36
N ALA A 31 -7.30 7.45 -16.74
CA ALA A 31 -8.56 7.09 -16.08
C ALA A 31 -9.50 6.20 -16.88
N ALA A 32 -9.81 6.60 -18.11
CA ALA A 32 -10.71 5.82 -18.93
C ALA A 32 -10.15 4.41 -19.14
N ASN A 33 -8.86 4.33 -19.45
CA ASN A 33 -8.19 3.05 -19.66
C ASN A 33 -8.28 2.15 -18.42
N LEU A 34 -7.90 2.70 -17.26
CA LEU A 34 -7.95 1.95 -16.01
C LEU A 34 -9.34 1.36 -15.77
N LYS A 35 -10.37 2.16 -15.99
CA LYS A 35 -11.74 1.70 -15.81
C LYS A 35 -12.02 0.46 -16.66
N SER A 36 -11.61 0.49 -17.92
CA SER A 36 -11.83 -0.62 -18.84
C SER A 36 -11.04 -1.87 -18.47
N LYS A 37 -9.92 -1.69 -17.78
CA LYS A 37 -9.09 -2.83 -17.39
C LYS A 37 -9.56 -3.48 -16.09
N GLY A 38 -10.48 -2.82 -15.40
CA GLY A 38 -10.99 -3.39 -14.17
C GLY A 38 -10.66 -2.64 -12.89
N ILE A 39 -9.78 -1.65 -12.96
CA ILE A 39 -9.41 -0.90 -11.76
C ILE A 39 -10.61 -0.11 -11.27
N THR A 40 -10.93 -0.24 -9.98
CA THR A 40 -12.07 0.45 -9.38
C THR A 40 -11.67 1.48 -8.35
N ALA A 41 -10.38 1.52 -8.01
CA ALA A 41 -9.90 2.48 -7.04
C ALA A 41 -8.41 2.74 -7.28
N VAL A 42 -8.00 3.99 -7.06
CA VAL A 42 -6.60 4.37 -7.27
C VAL A 42 -5.99 5.06 -6.06
N TRP A 43 -4.87 4.53 -5.59
CA TRP A 43 -4.16 5.10 -4.47
C TRP A 43 -3.10 6.03 -5.08
N ILE A 44 -3.27 7.33 -4.87
CA ILE A 44 -2.35 8.33 -5.40
C ILE A 44 -1.19 8.60 -4.44
N PRO A 45 -0.01 8.95 -4.99
CA PRO A 45 1.14 9.22 -4.14
C PRO A 45 0.93 10.49 -3.30
N PRO A 46 1.73 10.68 -2.24
CA PRO A 46 1.61 11.87 -1.39
C PRO A 46 1.38 13.10 -2.27
N ALA A 47 0.26 13.80 -2.04
CA ALA A 47 -0.08 14.97 -2.85
C ALA A 47 0.36 16.32 -2.30
N TRP A 48 1.00 16.31 -1.14
CA TRP A 48 1.46 17.56 -0.52
C TRP A 48 2.93 17.86 -0.81
N LYS A 49 3.38 18.99 -0.29
CA LYS A 49 4.75 19.45 -0.47
C LYS A 49 5.77 18.71 0.38
N GLY A 50 6.80 18.18 -0.28
CA GLY A 50 7.86 17.45 0.42
C GLY A 50 8.99 18.38 0.83
N THR A 51 10.17 17.82 1.09
CA THR A 51 11.30 18.64 1.51
C THR A 51 11.95 19.33 0.31
N SER A 52 11.61 18.86 -0.88
CA SER A 52 12.12 19.44 -2.12
C SER A 52 11.18 18.98 -3.24
N GLN A 53 11.40 19.47 -4.45
CA GLN A 53 10.56 19.09 -5.58
C GLN A 53 10.76 17.60 -5.87
N ASN A 54 11.98 17.12 -5.64
CA ASN A 54 12.39 15.73 -5.87
C ASN A 54 11.72 14.71 -4.94
N ASP A 55 11.33 15.18 -3.77
CA ASP A 55 10.72 14.34 -2.73
C ASP A 55 9.55 13.52 -3.25
N VAL A 56 9.56 12.22 -2.96
CA VAL A 56 8.48 11.34 -3.35
C VAL A 56 7.22 11.79 -2.60
N GLY A 57 7.43 12.48 -1.48
CA GLY A 57 6.30 12.99 -0.71
C GLY A 57 6.33 12.59 0.75
N TYR A 58 7.04 11.51 1.06
CA TYR A 58 7.11 11.03 2.45
C TYR A 58 7.91 11.93 3.39
N GLY A 59 8.55 12.95 2.84
CA GLY A 59 9.30 13.88 3.67
C GLY A 59 8.28 14.73 4.44
N ALA A 60 7.10 14.86 3.84
CA ALA A 60 5.99 15.59 4.45
C ALA A 60 6.35 16.92 5.11
N TYR A 61 6.42 17.98 4.32
CA TYR A 61 6.72 19.29 4.85
C TYR A 61 5.43 20.02 5.19
N ASP A 62 4.58 20.21 4.19
CA ASP A 62 3.32 20.91 4.42
C ASP A 62 2.13 20.18 3.81
N LEU A 63 1.32 19.57 4.67
CA LEU A 63 0.15 18.80 4.22
C LEU A 63 -0.96 19.66 3.60
N TYR A 64 -0.91 20.98 3.79
CA TYR A 64 -1.93 21.87 3.23
C TYR A 64 -1.46 22.49 1.91
N ASP A 65 -0.30 22.06 1.42
CA ASP A 65 0.26 22.57 0.16
C ASP A 65 0.25 21.42 -0.85
N LEU A 66 -0.80 21.34 -1.66
CA LEU A 66 -0.90 20.27 -2.65
C LEU A 66 -0.34 20.67 -4.01
N GLY A 67 0.76 21.42 -4.00
CA GLY A 67 1.35 21.88 -5.24
C GLY A 67 0.71 23.20 -5.62
N GLU A 68 0.35 23.97 -4.59
CA GLU A 68 -0.33 25.24 -4.76
C GLU A 68 0.48 26.48 -4.33
N PHE A 69 1.40 26.31 -3.40
CA PHE A 69 2.19 27.44 -2.91
C PHE A 69 3.69 27.30 -3.21
N ASN A 70 4.38 28.43 -3.28
CA ASN A 70 5.81 28.43 -3.55
C ASN A 70 6.57 28.16 -2.26
N GLN A 71 6.91 26.90 -2.05
CA GLN A 71 7.64 26.49 -0.86
C GLN A 71 8.64 25.39 -1.21
N LYS A 72 9.75 25.36 -0.49
CA LYS A 72 10.80 24.37 -0.73
C LYS A 72 11.35 24.44 -2.14
N GLY A 73 11.47 25.66 -2.65
CA GLY A 73 12.01 25.87 -3.98
C GLY A 73 11.11 25.52 -5.15
N THR A 74 9.82 25.32 -4.90
CA THR A 74 8.92 24.96 -5.97
C THR A 74 7.46 25.16 -5.61
N VAL A 75 6.63 25.28 -6.63
CA VAL A 75 5.19 25.41 -6.41
C VAL A 75 4.63 24.00 -6.52
N ARG A 76 4.78 23.39 -7.70
CA ARG A 76 4.29 22.04 -7.91
C ARG A 76 5.04 21.05 -7.04
N THR A 77 4.41 19.90 -6.79
CA THR A 77 5.06 18.84 -6.03
C THR A 77 5.72 18.07 -7.17
N LYS A 78 6.37 16.95 -6.85
CA LYS A 78 7.02 16.15 -7.87
C LYS A 78 6.04 15.75 -8.96
N TYR A 79 4.79 15.51 -8.57
CA TYR A 79 3.76 15.05 -9.48
C TYR A 79 3.00 16.11 -10.29
N GLY A 80 3.05 17.36 -9.85
CA GLY A 80 2.34 18.41 -10.57
C GLY A 80 1.76 19.45 -9.61
N THR A 81 0.89 20.33 -10.13
CA THR A 81 0.28 21.36 -9.29
C THR A 81 -1.05 20.89 -8.71
N ARG A 82 -1.63 21.73 -7.84
CA ARG A 82 -2.91 21.43 -7.21
C ARG A 82 -3.96 21.34 -8.32
N SER A 83 -3.85 22.25 -9.29
CA SER A 83 -4.78 22.28 -10.41
C SER A 83 -4.73 20.97 -11.19
N GLN A 84 -3.53 20.51 -11.51
CA GLN A 84 -3.37 19.27 -12.26
C GLN A 84 -3.87 18.08 -11.44
N LEU A 85 -3.61 18.10 -10.13
CA LEU A 85 -4.06 17.02 -9.27
C LEU A 85 -5.60 16.96 -9.29
N GLN A 86 -6.25 18.11 -9.09
CA GLN A 86 -7.70 18.15 -9.10
C GLN A 86 -8.26 17.65 -10.45
N GLY A 87 -7.56 17.93 -11.53
CA GLY A 87 -8.00 17.49 -12.83
C GLY A 87 -7.94 15.97 -12.93
N ALA A 88 -6.99 15.36 -12.22
CA ALA A 88 -6.85 13.92 -12.24
C ALA A 88 -7.98 13.28 -11.42
N VAL A 89 -8.24 13.83 -10.23
CA VAL A 89 -9.30 13.30 -9.39
C VAL A 89 -10.63 13.39 -10.11
N THR A 90 -10.87 14.51 -10.78
CA THR A 90 -12.11 14.69 -11.51
C THR A 90 -12.26 13.61 -12.59
N SER A 91 -11.16 13.32 -13.30
CA SER A 91 -11.19 12.32 -14.37
C SER A 91 -11.54 10.93 -13.83
N LEU A 92 -10.92 10.56 -12.72
CA LEU A 92 -11.18 9.26 -12.10
C LEU A 92 -12.65 9.17 -11.67
N LYS A 93 -13.12 10.24 -11.02
CA LYS A 93 -14.50 10.32 -10.55
C LYS A 93 -15.52 10.20 -11.67
N ASN A 94 -15.29 10.91 -12.76
CA ASN A 94 -16.18 10.87 -13.92
C ASN A 94 -16.19 9.49 -14.57
N ASN A 95 -15.11 8.73 -14.36
CA ASN A 95 -15.02 7.39 -14.93
C ASN A 95 -15.41 6.33 -13.89
N GLY A 96 -16.02 6.76 -12.79
CA GLY A 96 -16.47 5.85 -11.75
C GLY A 96 -15.40 5.15 -10.93
N ILE A 97 -14.23 5.75 -10.80
CA ILE A 97 -13.14 5.16 -10.03
C ILE A 97 -12.93 5.88 -8.70
N GLN A 98 -12.79 5.13 -7.61
CA GLN A 98 -12.59 5.72 -6.28
C GLN A 98 -11.15 6.19 -6.08
N VAL A 99 -10.98 7.21 -5.24
CA VAL A 99 -9.65 7.77 -4.99
C VAL A 99 -9.20 7.64 -3.54
N TYR A 100 -8.08 6.94 -3.35
CA TYR A 100 -7.52 6.77 -2.00
C TYR A 100 -6.28 7.66 -1.89
N GLY A 101 -6.30 8.59 -0.94
CA GLY A 101 -5.16 9.47 -0.77
C GLY A 101 -4.18 8.90 0.24
N ASP A 102 -2.88 9.12 0.02
CA ASP A 102 -1.87 8.64 0.94
C ASP A 102 -1.93 9.55 2.16
N VAL A 103 -1.56 9.03 3.33
CA VAL A 103 -1.59 9.84 4.55
C VAL A 103 -0.31 9.65 5.35
N VAL A 104 0.41 10.75 5.56
CA VAL A 104 1.65 10.70 6.33
C VAL A 104 1.50 11.57 7.57
N MET A 105 1.39 10.94 8.73
CA MET A 105 1.20 11.65 9.99
C MET A 105 2.26 11.31 11.03
N ASN A 106 3.16 10.39 10.72
CA ASN A 106 4.18 10.01 11.69
C ASN A 106 5.21 11.10 11.99
N HIS A 107 5.50 11.93 11.00
CA HIS A 107 6.52 12.95 11.16
C HIS A 107 6.41 14.09 10.17
N LYS A 108 7.26 15.10 10.34
CA LYS A 108 7.32 16.25 9.43
C LYS A 108 8.79 16.53 9.18
N GLY A 109 9.14 16.85 7.95
CA GLY A 109 10.53 17.14 7.63
C GLY A 109 10.67 18.49 6.96
N GLY A 110 11.90 19.00 6.93
CA GLY A 110 12.15 20.29 6.28
C GLY A 110 11.62 21.49 7.05
N ALA A 111 11.84 21.50 8.36
CA ALA A 111 11.39 22.61 9.19
C ALA A 111 11.92 23.94 8.66
N ASP A 112 11.12 24.99 8.80
CA ASP A 112 11.53 26.31 8.34
C ASP A 112 12.63 26.89 9.22
N GLY A 113 12.62 26.54 10.50
CA GLY A 113 13.62 27.05 11.42
C GLY A 113 13.88 26.12 12.58
N THR A 114 14.88 26.46 13.39
CA THR A 114 15.23 25.63 14.54
C THR A 114 14.78 26.25 15.86
N GLU A 115 14.83 25.44 16.91
CA GLU A 115 14.46 25.86 18.25
C GLU A 115 15.41 25.16 19.22
N MET A 116 15.73 25.83 20.32
CA MET A 116 16.60 25.24 21.33
C MET A 116 15.66 24.46 22.22
N VAL A 117 15.88 23.16 22.31
CA VAL A 117 15.01 22.29 23.10
C VAL A 117 15.82 21.42 24.06
N ASN A 118 15.31 21.29 25.28
CA ASN A 118 15.97 20.44 26.28
C ASN A 118 15.66 18.99 25.91
N ALA A 119 16.69 18.16 25.76
CA ALA A 119 16.48 16.77 25.38
C ALA A 119 17.51 15.81 25.97
N VAL A 120 17.26 14.52 25.77
CA VAL A 120 18.18 13.49 26.23
C VAL A 120 18.38 12.53 25.06
N GLU A 121 19.53 11.86 25.03
CA GLU A 121 19.81 10.90 23.98
C GLU A 121 19.25 9.55 24.43
N VAL A 122 18.79 8.74 23.48
CA VAL A 122 18.28 7.43 23.84
C VAL A 122 18.94 6.35 22.99
N ASN A 123 18.92 5.13 23.51
CA ASN A 123 19.50 3.97 22.84
C ASN A 123 18.71 3.72 21.56
N ARG A 124 19.37 3.78 20.41
CA ARG A 124 18.69 3.56 19.14
C ARG A 124 18.14 2.13 19.01
N SER A 125 18.69 1.20 19.79
CA SER A 125 18.22 -0.19 19.76
C SER A 125 17.21 -0.46 20.88
N ASN A 126 16.96 0.55 21.71
CA ASN A 126 16.01 0.46 22.81
C ASN A 126 15.68 1.88 23.24
N ARG A 127 14.84 2.54 22.43
CA ARG A 127 14.45 3.92 22.68
C ARG A 127 13.83 4.18 24.05
N ASN A 128 13.55 3.12 24.80
CA ASN A 128 12.99 3.27 26.13
C ASN A 128 14.10 3.69 27.09
N GLN A 129 15.34 3.44 26.69
CA GLN A 129 16.51 3.74 27.52
C GLN A 129 17.23 5.03 27.16
N GLU A 130 17.42 5.90 28.16
CA GLU A 130 18.12 7.16 27.97
C GLU A 130 19.62 6.90 28.14
N ILE A 131 20.45 7.46 27.25
CA ILE A 131 21.89 7.24 27.34
C ILE A 131 22.72 8.50 27.58
N SER A 132 22.05 9.62 27.81
CA SER A 132 22.73 10.88 28.10
C SER A 132 21.84 11.63 29.08
N GLY A 133 22.42 12.60 29.79
CA GLY A 133 21.64 13.40 30.70
C GLY A 133 21.03 14.50 29.87
N GLU A 134 20.17 15.31 30.50
CA GLU A 134 19.53 16.40 29.81
C GLU A 134 20.51 17.46 29.31
N TYR A 135 20.24 18.02 28.14
CA TYR A 135 21.05 19.11 27.58
C TYR A 135 20.31 19.72 26.40
N THR A 136 20.69 20.94 26.04
CA THR A 136 20.01 21.64 24.95
C THR A 136 20.57 21.38 23.56
N ILE A 137 19.67 21.09 22.63
CA ILE A 137 20.04 20.86 21.24
C ILE A 137 19.29 21.82 20.34
N GLU A 138 19.79 22.00 19.12
CA GLU A 138 19.13 22.87 18.16
C GLU A 138 18.39 21.92 17.22
N ALA A 139 17.07 21.83 17.39
CA ALA A 139 16.25 20.92 16.60
C ALA A 139 15.34 21.60 15.57
N TRP A 140 15.20 20.95 14.41
CA TRP A 140 14.36 21.46 13.33
C TRP A 140 12.90 21.12 13.59
N THR A 141 12.24 21.97 14.36
CA THR A 141 10.85 21.75 14.74
C THR A 141 9.90 22.92 14.46
N LYS A 142 10.40 24.00 13.88
CA LYS A 142 9.56 25.15 13.60
C LYS A 142 9.03 25.17 12.17
N PHE A 143 7.70 25.08 12.06
CA PHE A 143 7.05 25.10 10.75
C PHE A 143 6.09 26.28 10.67
N ASP A 144 6.48 27.30 9.90
CA ASP A 144 5.65 28.50 9.75
C ASP A 144 4.95 28.59 8.39
N PHE A 145 5.49 27.89 7.40
CA PHE A 145 4.92 27.87 6.06
C PHE A 145 4.83 29.29 5.50
N PRO A 146 5.99 29.92 5.26
CA PRO A 146 6.04 31.29 4.72
C PRO A 146 5.33 31.45 3.37
N GLY A 147 5.47 30.44 2.51
CA GLY A 147 4.84 30.52 1.20
C GLY A 147 3.34 30.40 1.21
N ARG A 148 2.79 29.72 2.22
CA ARG A 148 1.36 29.51 2.31
C ARG A 148 0.64 30.51 3.23
N GLY A 149 1.34 30.97 4.26
CA GLY A 149 0.72 31.89 5.19
C GLY A 149 -0.33 31.13 5.96
N ASN A 150 -1.51 31.73 6.12
CA ASN A 150 -2.59 31.08 6.84
C ASN A 150 -3.68 30.52 5.93
N THR A 151 -3.44 30.53 4.62
CA THR A 151 -4.43 30.00 3.68
C THR A 151 -4.69 28.51 3.96
N HIS A 152 -5.96 28.15 4.11
CA HIS A 152 -6.39 26.79 4.41
C HIS A 152 -6.25 26.47 5.90
N SER A 153 -5.20 26.98 6.53
CA SER A 153 -4.97 26.72 7.94
C SER A 153 -3.91 27.64 8.56
N ASN A 154 -4.17 28.08 9.78
CA ASN A 154 -3.23 28.95 10.47
C ASN A 154 -2.44 28.20 11.53
N PHE A 155 -2.59 26.88 11.60
CA PHE A 155 -1.85 26.10 12.59
C PHE A 155 -0.34 26.11 12.29
N LYS A 156 0.46 26.39 13.30
CA LYS A 156 1.93 26.43 13.15
C LYS A 156 2.55 25.38 14.07
N TRP A 157 3.62 24.73 13.63
CA TRP A 157 4.24 23.70 14.44
C TRP A 157 5.43 24.19 15.25
N ARG A 158 5.59 23.62 16.45
CA ARG A 158 6.69 23.98 17.34
C ARG A 158 7.24 22.71 18.00
N TRP A 159 8.33 22.84 18.74
CA TRP A 159 8.97 21.68 19.36
C TRP A 159 8.04 20.79 20.18
N TYR A 160 7.17 21.39 20.98
CA TYR A 160 6.26 20.61 21.84
C TYR A 160 5.22 19.76 21.11
N HIS A 161 5.13 19.92 19.80
CA HIS A 161 4.20 19.11 19.00
C HIS A 161 4.94 17.84 18.58
N PHE A 162 6.20 17.75 18.97
CA PHE A 162 7.05 16.60 18.62
C PHE A 162 7.63 15.91 19.85
N ASP A 163 7.97 14.63 19.70
CA ASP A 163 8.55 13.84 20.78
C ASP A 163 10.07 13.83 20.72
N GLY A 164 10.62 14.02 19.52
CA GLY A 164 12.06 14.04 19.36
C GLY A 164 12.52 14.22 17.93
N THR A 165 13.82 14.07 17.72
CA THR A 165 14.44 14.22 16.41
C THR A 165 15.71 13.38 16.37
N ASP A 166 16.39 13.37 15.22
CA ASP A 166 17.62 12.59 15.11
C ASP A 166 18.80 13.50 14.71
N TRP A 167 18.61 14.80 14.87
CA TRP A 167 19.65 15.75 14.50
C TRP A 167 19.71 16.98 15.39
N ASP A 168 20.93 17.31 15.82
CA ASP A 168 21.17 18.49 16.64
C ASP A 168 22.03 19.42 15.80
N GLN A 169 21.46 20.51 15.34
CA GLN A 169 22.19 21.45 14.49
C GLN A 169 23.46 22.00 15.16
N SER A 170 23.42 22.16 16.48
CA SER A 170 24.58 22.66 17.23
C SER A 170 25.75 21.69 17.15
N ARG A 171 25.54 20.50 17.69
CA ARG A 171 26.55 19.45 17.69
C ARG A 171 26.11 18.41 16.67
N GLN A 172 26.46 18.64 15.41
CA GLN A 172 26.08 17.73 14.35
C GLN A 172 26.67 16.32 14.53
N LEU A 173 26.00 15.51 15.35
CA LEU A 173 26.44 14.15 15.63
C LEU A 173 25.59 13.09 14.92
N GLN A 174 26.24 12.06 14.38
CA GLN A 174 25.57 10.99 13.67
C GLN A 174 25.12 9.88 14.62
N ASN A 175 24.25 9.00 14.12
CA ASN A 175 23.75 7.86 14.90
C ASN A 175 23.13 8.25 16.23
N LYS A 176 22.33 9.32 16.24
CA LYS A 176 21.71 9.78 17.47
C LYS A 176 20.19 9.90 17.36
N ILE A 177 19.52 9.74 18.50
CA ILE A 177 18.07 9.89 18.56
C ILE A 177 17.80 10.68 19.84
N TYR A 178 17.17 11.84 19.69
CA TYR A 178 16.90 12.68 20.83
C TYR A 178 15.44 12.65 21.25
N LYS A 179 15.21 12.55 22.55
CA LYS A 179 13.85 12.54 23.09
C LYS A 179 13.71 13.87 23.81
N PHE A 180 12.67 14.63 23.45
CA PHE A 180 12.44 15.95 24.06
C PHE A 180 11.92 15.82 25.49
N ARG A 181 12.39 16.71 26.36
CA ARG A 181 11.93 16.74 27.74
C ARG A 181 10.72 17.66 27.75
N GLY A 182 10.01 17.68 28.87
CA GLY A 182 8.83 18.51 28.99
C GLY A 182 7.79 17.70 29.76
N THR A 183 6.84 18.38 30.37
CA THR A 183 5.81 17.67 31.13
C THR A 183 5.01 16.75 30.22
N GLY A 184 4.98 15.47 30.56
CA GLY A 184 4.23 14.51 29.77
C GLY A 184 4.95 14.02 28.52
N LYS A 185 6.16 14.50 28.29
CA LYS A 185 6.91 14.07 27.12
C LYS A 185 7.44 12.66 27.23
N ALA A 186 7.11 11.83 26.25
CA ALA A 186 7.56 10.45 26.22
C ALA A 186 7.24 9.84 24.87
N TRP A 187 7.89 8.74 24.53
CA TRP A 187 7.61 8.08 23.28
C TRP A 187 6.16 7.58 23.38
N ASP A 188 5.38 7.77 22.32
CA ASP A 188 3.99 7.34 22.31
C ASP A 188 3.92 5.83 22.55
N TRP A 189 2.91 5.35 23.28
CA TRP A 189 2.82 3.91 23.50
C TRP A 189 1.70 3.21 22.77
N GLU A 190 2.08 2.04 22.29
CA GLU A 190 1.32 1.11 21.51
C GLU A 190 1.69 1.48 20.09
N VAL A 191 2.93 1.11 19.81
CA VAL A 191 3.59 1.27 18.53
C VAL A 191 4.34 -0.06 18.49
N ASP A 192 4.99 -0.38 17.38
CA ASP A 192 5.72 -1.63 17.30
C ASP A 192 6.79 -1.68 18.39
N ILE A 193 7.15 -2.88 18.81
CA ILE A 193 8.13 -3.07 19.87
C ILE A 193 9.58 -3.30 19.42
N GLU A 194 9.85 -3.26 18.12
CA GLU A 194 11.22 -3.45 17.64
C GLU A 194 12.02 -2.25 18.12
N ASN A 195 13.26 -2.48 18.53
CA ASN A 195 14.11 -1.43 19.08
C ASN A 195 13.45 -0.93 20.37
N GLY A 196 12.64 -1.77 21.00
CA GLY A 196 11.96 -1.35 22.21
C GLY A 196 11.32 0.01 21.97
N ASN A 197 10.11 -0.01 21.43
CA ASN A 197 9.36 1.21 21.10
C ASN A 197 9.88 1.86 19.83
N TYR A 198 9.16 1.62 18.74
CA TYR A 198 9.54 2.13 17.43
C TYR A 198 8.76 3.40 17.09
N ASP A 199 8.47 4.21 18.10
CA ASP A 199 7.74 5.45 17.85
C ASP A 199 8.57 6.27 16.87
N TYR A 200 9.84 6.50 17.20
CA TYR A 200 10.70 7.28 16.32
C TYR A 200 11.18 6.51 15.09
N LEU A 201 11.19 7.22 13.95
CA LEU A 201 11.63 6.65 12.69
C LEU A 201 12.58 7.61 11.99
N MET A 202 12.08 8.79 11.65
CA MET A 202 12.88 9.79 10.94
C MET A 202 12.34 11.20 11.11
N TYR A 203 13.13 12.19 10.73
CA TYR A 203 12.75 13.59 10.81
C TYR A 203 12.24 13.94 12.21
N ALA A 204 11.34 14.91 12.30
CA ALA A 204 10.77 15.30 13.58
C ALA A 204 9.58 14.40 13.86
N ASP A 205 9.65 13.64 14.94
CA ASP A 205 8.58 12.72 15.31
C ASP A 205 7.44 13.45 16.00
N ILE A 206 6.23 13.24 15.49
CA ILE A 206 5.03 13.87 16.03
C ILE A 206 4.53 13.23 17.32
N ASP A 207 4.25 14.06 18.31
CA ASP A 207 3.76 13.61 19.61
C ASP A 207 2.25 13.36 19.50
N MET A 208 1.86 12.09 19.36
CA MET A 208 0.45 11.75 19.22
C MET A 208 -0.40 11.91 20.48
N ASP A 209 0.22 12.31 21.59
CA ASP A 209 -0.51 12.49 22.83
C ASP A 209 -0.78 13.97 23.11
N HIS A 210 -0.21 14.86 22.31
CA HIS A 210 -0.43 16.28 22.49
C HIS A 210 -1.82 16.63 21.95
N PRO A 211 -2.66 17.28 22.76
CA PRO A 211 -4.01 17.65 22.34
C PRO A 211 -4.14 18.47 21.04
N GLU A 212 -3.24 19.43 20.83
CA GLU A 212 -3.31 20.25 19.62
C GLU A 212 -2.99 19.42 18.38
N VAL A 213 -2.05 18.50 18.52
CA VAL A 213 -1.67 17.63 17.41
C VAL A 213 -2.85 16.75 17.01
N ILE A 214 -3.49 16.13 17.99
CA ILE A 214 -4.63 15.27 17.76
C ILE A 214 -5.73 16.05 17.03
N ASN A 215 -6.10 17.21 17.56
CA ASN A 215 -7.13 18.03 16.94
C ASN A 215 -6.73 18.51 15.55
N GLU A 216 -5.49 18.98 15.40
CA GLU A 216 -5.01 19.48 14.12
C GLU A 216 -4.98 18.46 13.00
N LEU A 217 -4.40 17.29 13.25
CA LEU A 217 -4.33 16.28 12.19
C LEU A 217 -5.72 15.77 11.82
N ARG A 218 -6.62 15.76 12.79
CA ARG A 218 -8.00 15.34 12.52
C ARG A 218 -8.63 16.37 11.59
N ASN A 219 -8.42 17.64 11.89
CA ASN A 219 -8.96 18.72 11.08
C ASN A 219 -8.35 18.63 9.69
N TRP A 220 -7.05 18.35 9.62
CA TRP A 220 -6.40 18.24 8.33
C TRP A 220 -7.02 17.07 7.56
N GLY A 221 -7.21 15.94 8.24
CA GLY A 221 -7.80 14.78 7.61
C GLY A 221 -9.10 15.08 6.89
N VAL A 222 -10.00 15.82 7.55
CA VAL A 222 -11.27 16.14 6.93
C VAL A 222 -11.10 17.16 5.80
N TRP A 223 -10.23 18.15 6.00
CA TRP A 223 -9.97 19.16 4.98
C TRP A 223 -9.42 18.49 3.72
N TYR A 224 -8.51 17.54 3.94
CA TYR A 224 -7.87 16.79 2.87
C TYR A 224 -8.92 15.98 2.11
N THR A 225 -9.79 15.29 2.85
CA THR A 225 -10.84 14.49 2.25
C THR A 225 -11.82 15.32 1.41
N ASN A 226 -12.23 16.47 1.95
CA ASN A 226 -13.17 17.35 1.26
C ASN A 226 -12.53 18.07 0.08
N THR A 227 -11.30 18.55 0.26
CA THR A 227 -10.59 19.25 -0.80
C THR A 227 -10.45 18.42 -2.08
N LEU A 228 -10.12 17.15 -1.90
CA LEU A 228 -9.94 16.24 -3.04
C LEU A 228 -11.08 15.24 -3.21
N ASN A 229 -12.11 15.35 -2.37
CA ASN A 229 -13.26 14.44 -2.45
C ASN A 229 -12.78 12.99 -2.42
N LEU A 230 -11.92 12.68 -1.46
CA LEU A 230 -11.37 11.33 -1.33
C LEU A 230 -12.39 10.30 -0.86
N ASP A 231 -12.18 9.05 -1.27
CA ASP A 231 -13.06 7.95 -0.91
C ASP A 231 -12.40 7.05 0.12
N GLY A 232 -11.10 7.20 0.29
CA GLY A 232 -10.38 6.37 1.24
C GLY A 232 -8.96 6.85 1.50
N PHE A 233 -8.21 6.04 2.24
CA PHE A 233 -6.84 6.35 2.61
C PHE A 233 -5.91 5.16 2.55
N ARG A 234 -4.63 5.44 2.41
CA ARG A 234 -3.56 4.45 2.46
C ARG A 234 -2.78 5.14 3.58
N ILE A 235 -2.72 4.51 4.75
CA ILE A 235 -2.04 5.12 5.90
C ILE A 235 -0.58 4.69 6.06
N ASP A 236 0.30 5.69 6.02
CA ASP A 236 1.74 5.49 6.12
C ASP A 236 2.35 5.27 7.51
N ALA A 237 3.31 4.36 7.57
CA ALA A 237 4.06 4.01 8.77
C ALA A 237 3.25 3.85 10.06
N VAL A 238 2.21 3.02 10.03
CA VAL A 238 1.38 2.85 11.21
C VAL A 238 2.05 2.14 12.41
N LYS A 239 3.14 1.41 12.19
CA LYS A 239 3.78 0.73 13.31
C LYS A 239 4.58 1.70 14.18
N HIS A 240 4.77 2.90 13.66
CA HIS A 240 5.51 3.96 14.35
C HIS A 240 4.55 5.01 14.91
N ILE A 241 3.25 4.74 14.80
CA ILE A 241 2.23 5.67 15.26
C ILE A 241 1.31 5.05 16.32
N LYS A 242 1.00 5.82 17.36
CA LYS A 242 0.13 5.35 18.43
C LYS A 242 -1.09 4.66 17.82
N TYR A 243 -1.21 3.35 18.04
CA TYR A 243 -2.31 2.58 17.48
C TYR A 243 -3.69 3.18 17.73
N SER A 244 -4.01 3.53 18.97
CA SER A 244 -5.33 4.08 19.28
C SER A 244 -5.56 5.43 18.59
N TYR A 245 -4.48 6.14 18.28
CA TYR A 245 -4.62 7.42 17.62
C TYR A 245 -5.11 7.24 16.19
N THR A 246 -4.50 6.29 15.47
CA THR A 246 -4.86 6.02 14.09
C THR A 246 -6.31 5.57 14.01
N ARG A 247 -6.70 4.68 14.91
CA ARG A 247 -8.06 4.16 14.95
C ARG A 247 -9.06 5.32 15.11
N ASP A 248 -8.82 6.15 16.11
CA ASP A 248 -9.69 7.28 16.40
C ASP A 248 -9.65 8.38 15.35
N TRP A 249 -8.49 8.57 14.73
CA TRP A 249 -8.36 9.58 13.68
C TRP A 249 -9.29 9.21 12.53
N LEU A 250 -9.26 7.93 12.16
CA LEU A 250 -10.09 7.41 11.07
C LEU A 250 -11.57 7.61 11.40
N THR A 251 -11.96 7.22 12.61
CA THR A 251 -13.35 7.37 13.04
C THR A 251 -13.78 8.84 12.99
N HIS A 252 -12.89 9.74 13.42
CA HIS A 252 -13.21 11.16 13.41
C HIS A 252 -13.51 11.65 11.99
N VAL A 253 -12.67 11.24 11.05
CA VAL A 253 -12.84 11.63 9.65
C VAL A 253 -14.13 11.06 9.06
N ARG A 254 -14.42 9.80 9.38
CA ARG A 254 -15.63 9.15 8.89
C ARG A 254 -16.87 9.85 9.48
N ASN A 255 -16.80 10.15 10.77
CA ASN A 255 -17.90 10.81 11.47
C ASN A 255 -18.16 12.22 10.96
N THR A 256 -17.08 12.96 10.69
CA THR A 256 -17.18 14.33 10.23
C THR A 256 -17.64 14.48 8.78
N THR A 257 -17.06 13.69 7.88
CA THR A 257 -17.45 13.75 6.47
C THR A 257 -18.73 12.99 6.21
N GLY A 258 -18.93 11.92 6.98
CA GLY A 258 -20.11 11.11 6.82
C GLY A 258 -19.87 10.01 5.80
N LYS A 259 -18.67 9.98 5.24
CA LYS A 259 -18.32 8.96 4.26
C LYS A 259 -17.68 7.74 4.91
N PRO A 260 -17.91 6.54 4.35
CA PRO A 260 -17.34 5.32 4.92
C PRO A 260 -15.82 5.37 5.00
N MET A 261 -15.20 6.02 4.02
CA MET A 261 -13.74 6.16 3.93
C MET A 261 -12.94 4.89 4.18
N PHE A 262 -12.82 4.05 3.15
CA PHE A 262 -12.05 2.82 3.28
C PHE A 262 -10.61 3.22 3.63
N ALA A 263 -9.91 2.37 4.36
CA ALA A 263 -8.53 2.67 4.70
C ALA A 263 -7.68 1.41 4.81
N VAL A 264 -6.45 1.48 4.29
CA VAL A 264 -5.52 0.38 4.37
C VAL A 264 -4.21 0.92 4.92
N ALA A 265 -3.77 0.36 6.03
CA ALA A 265 -2.55 0.82 6.67
C ALA A 265 -1.34 -0.01 6.30
N GLU A 266 -0.19 0.63 6.16
CA GLU A 266 1.01 -0.14 5.86
C GLU A 266 1.75 -0.40 7.15
N PHE A 267 1.58 -1.60 7.68
CA PHE A 267 2.27 -2.01 8.90
C PHE A 267 3.36 -2.91 8.33
N TRP A 268 4.52 -2.33 8.03
CA TRP A 268 5.57 -3.13 7.44
C TRP A 268 6.42 -3.90 8.42
N LYS A 269 6.03 -5.16 8.60
CA LYS A 269 6.71 -6.08 9.47
C LYS A 269 6.28 -7.46 8.97
N ASN A 270 7.25 -8.32 8.71
CA ASN A 270 6.95 -9.66 8.22
C ASN A 270 6.69 -10.49 9.47
N ASP A 271 5.65 -10.09 10.20
CA ASP A 271 5.27 -10.72 11.47
C ASP A 271 3.74 -10.75 11.61
N LEU A 272 3.13 -11.90 11.34
CA LEU A 272 1.68 -12.03 11.44
C LEU A 272 1.13 -11.63 12.81
N ALA A 273 1.75 -12.16 13.87
CA ALA A 273 1.30 -11.86 15.23
C ALA A 273 1.31 -10.36 15.53
N ALA A 274 2.32 -9.65 15.02
CA ALA A 274 2.41 -8.21 15.25
C ALA A 274 1.29 -7.47 14.51
N ILE A 275 1.01 -7.91 13.30
CA ILE A 275 -0.06 -7.29 12.51
C ILE A 275 -1.42 -7.58 13.13
N GLU A 276 -1.58 -8.77 13.69
CA GLU A 276 -2.84 -9.14 14.33
C GLU A 276 -3.06 -8.32 15.59
N ASN A 277 -1.99 -8.01 16.30
CA ASN A 277 -2.10 -7.20 17.50
C ASN A 277 -2.53 -5.79 17.06
N TYR A 278 -1.99 -5.34 15.93
CA TYR A 278 -2.32 -4.01 15.39
C TYR A 278 -3.81 -3.90 15.03
N LEU A 279 -4.34 -4.95 14.40
CA LEU A 279 -5.74 -4.99 14.01
C LEU A 279 -6.62 -4.97 15.26
N ASN A 280 -6.19 -5.73 16.27
CA ASN A 280 -6.90 -5.82 17.54
C ASN A 280 -6.95 -4.45 18.21
N LYS A 281 -5.79 -3.81 18.33
CA LYS A 281 -5.69 -2.50 18.97
C LYS A 281 -6.37 -1.36 18.20
N THR A 282 -6.68 -1.59 16.93
CA THR A 282 -7.36 -0.57 16.14
C THR A 282 -8.82 -0.98 15.94
N SER A 283 -9.25 -1.98 16.72
CA SER A 283 -10.61 -2.47 16.66
C SER A 283 -11.03 -2.86 15.26
N TRP A 284 -10.10 -3.38 14.47
CA TRP A 284 -10.38 -3.80 13.10
C TRP A 284 -11.14 -2.77 12.28
N ASN A 285 -10.97 -1.47 12.54
CA ASN A 285 -11.73 -0.50 11.75
C ASN A 285 -11.12 -0.11 10.41
N HIS A 286 -10.08 -0.84 10.00
CA HIS A 286 -9.45 -0.65 8.70
C HIS A 286 -8.60 -1.87 8.32
N SER A 287 -8.25 -1.98 7.05
CA SER A 287 -7.47 -3.11 6.56
C SER A 287 -5.97 -2.82 6.59
N VAL A 288 -5.17 -3.86 6.38
CA VAL A 288 -3.72 -3.72 6.36
C VAL A 288 -3.14 -4.40 5.13
N PHE A 289 -1.97 -3.94 4.68
CA PHE A 289 -1.33 -4.58 3.53
C PHE A 289 -0.80 -5.93 4.01
N ASP A 290 -1.00 -6.97 3.21
CA ASP A 290 -0.54 -8.31 3.58
C ASP A 290 0.95 -8.42 3.32
N VAL A 291 1.75 -7.79 4.18
CA VAL A 291 3.19 -7.84 4.02
C VAL A 291 3.72 -9.28 4.10
N PRO A 292 3.17 -10.10 5.02
CA PRO A 292 3.62 -11.49 5.13
C PRO A 292 3.48 -12.26 3.82
N LEU A 293 2.35 -12.08 3.13
CA LEU A 293 2.15 -12.76 1.85
C LEU A 293 3.17 -12.28 0.84
N HIS A 294 3.51 -10.99 0.90
CA HIS A 294 4.50 -10.44 -0.02
C HIS A 294 5.78 -11.24 0.08
N TYR A 295 6.28 -11.42 1.30
CA TYR A 295 7.51 -12.17 1.49
C TYR A 295 7.38 -13.63 1.06
N ASN A 296 6.19 -14.19 1.13
CA ASN A 296 5.99 -15.58 0.69
C ASN A 296 6.21 -15.63 -0.82
N LEU A 297 5.63 -14.65 -1.52
CA LEU A 297 5.74 -14.56 -2.98
C LEU A 297 7.18 -14.30 -3.37
N TYR A 298 7.85 -13.42 -2.63
CA TYR A 298 9.24 -13.13 -2.92
C TYR A 298 10.10 -14.39 -2.78
N ASN A 299 9.91 -15.12 -1.67
CA ASN A 299 10.69 -16.32 -1.43
C ASN A 299 10.43 -17.41 -2.47
N ALA A 300 9.18 -17.54 -2.89
CA ALA A 300 8.82 -18.54 -3.89
C ALA A 300 9.52 -18.22 -5.20
N SER A 301 9.49 -16.94 -5.58
CA SER A 301 10.11 -16.48 -6.82
C SER A 301 11.64 -16.57 -6.75
N ASN A 302 12.17 -16.62 -5.54
CA ASN A 302 13.61 -16.66 -5.31
C ASN A 302 14.15 -18.08 -5.04
N SER A 303 13.24 -19.06 -5.01
CA SER A 303 13.60 -20.45 -4.73
C SER A 303 13.91 -21.36 -5.92
N GLY A 304 13.90 -20.79 -7.13
CA GLY A 304 14.20 -21.59 -8.31
C GLY A 304 13.32 -22.82 -8.44
N GLY A 305 12.13 -22.77 -7.83
CA GLY A 305 11.21 -23.89 -7.93
C GLY A 305 11.25 -24.82 -6.72
N TYR A 306 12.17 -24.58 -5.80
CA TYR A 306 12.29 -25.42 -4.61
C TYR A 306 11.33 -25.01 -3.48
N PHE A 307 10.54 -23.97 -3.71
CA PHE A 307 9.58 -23.51 -2.70
C PHE A 307 8.40 -24.49 -2.70
N ASP A 308 7.87 -24.79 -1.51
CA ASP A 308 6.74 -25.71 -1.42
C ASP A 308 5.46 -24.88 -1.66
N MET A 309 5.00 -24.87 -2.90
CA MET A 309 3.81 -24.09 -3.28
C MET A 309 2.56 -24.40 -2.47
N ARG A 310 2.55 -25.54 -1.79
CA ARG A 310 1.41 -25.90 -0.98
C ARG A 310 1.22 -24.94 0.18
N ASN A 311 2.32 -24.33 0.64
CA ASN A 311 2.29 -23.41 1.78
C ASN A 311 2.47 -21.94 1.43
N ILE A 312 2.21 -21.57 0.18
CA ILE A 312 2.41 -20.19 -0.25
C ILE A 312 1.53 -19.16 0.47
N LEU A 313 0.40 -19.58 1.01
CA LEU A 313 -0.50 -18.68 1.72
C LEU A 313 -0.36 -18.79 3.24
N ASN A 314 0.47 -19.73 3.71
CA ASN A 314 0.67 -19.93 5.14
C ASN A 314 1.35 -18.74 5.80
N GLY A 315 0.78 -18.28 6.92
CA GLY A 315 1.34 -17.16 7.64
C GLY A 315 0.94 -15.79 7.12
N SER A 316 0.16 -15.75 6.04
CA SER A 316 -0.27 -14.48 5.47
C SER A 316 -1.45 -13.90 6.25
N VAL A 317 -1.76 -12.64 6.00
CA VAL A 317 -2.87 -12.00 6.67
C VAL A 317 -4.19 -12.41 6.03
N VAL A 318 -4.17 -12.54 4.70
CA VAL A 318 -5.37 -12.90 3.96
C VAL A 318 -5.89 -14.31 4.26
N GLN A 319 -5.02 -15.18 4.75
CA GLN A 319 -5.43 -16.55 5.08
C GLN A 319 -6.32 -16.57 6.32
N LYS A 320 -5.94 -15.82 7.35
CA LYS A 320 -6.72 -15.78 8.59
C LYS A 320 -7.64 -14.58 8.72
N HIS A 321 -7.34 -13.51 7.98
CA HIS A 321 -8.14 -12.29 8.04
C HIS A 321 -8.41 -11.81 6.60
N PRO A 322 -9.23 -12.56 5.86
CA PRO A 322 -9.58 -12.25 4.46
C PRO A 322 -10.16 -10.88 4.13
N ILE A 323 -11.06 -10.36 4.96
CA ILE A 323 -11.65 -9.06 4.65
C ILE A 323 -10.96 -7.87 5.30
N HIS A 324 -9.79 -8.10 5.88
CA HIS A 324 -9.02 -7.02 6.50
C HIS A 324 -7.64 -6.96 5.86
N ALA A 325 -7.50 -7.65 4.73
CA ALA A 325 -6.22 -7.70 4.05
C ALA A 325 -6.22 -7.20 2.62
N VAL A 326 -5.26 -6.34 2.33
CA VAL A 326 -5.08 -5.81 0.99
C VAL A 326 -3.87 -6.57 0.46
N THR A 327 -4.10 -7.50 -0.46
CA THR A 327 -3.01 -8.30 -1.02
C THR A 327 -2.27 -7.54 -2.12
N PHE A 328 -0.95 -7.74 -2.18
CA PHE A 328 -0.14 -7.09 -3.20
C PHE A 328 1.12 -7.89 -3.48
N VAL A 329 1.63 -7.75 -4.70
CA VAL A 329 2.84 -8.46 -5.08
C VAL A 329 4.07 -7.66 -4.66
N ASP A 330 4.11 -6.39 -5.05
CA ASP A 330 5.22 -5.51 -4.72
C ASP A 330 4.74 -4.07 -4.58
N ASN A 331 5.60 -3.22 -4.01
CA ASN A 331 5.30 -1.80 -3.85
C ASN A 331 6.61 -1.01 -3.77
N HIS A 332 6.52 0.30 -3.57
CA HIS A 332 7.72 1.13 -3.53
C HIS A 332 8.74 0.75 -2.46
N ASP A 333 8.31 -0.03 -1.46
CA ASP A 333 9.21 -0.46 -0.40
C ASP A 333 10.08 -1.63 -0.86
N SER A 334 9.49 -2.54 -1.63
CA SER A 334 10.20 -3.72 -2.09
C SER A 334 10.86 -3.63 -3.46
N GLN A 335 10.55 -2.58 -4.24
CA GLN A 335 11.16 -2.49 -5.57
C GLN A 335 12.69 -2.44 -5.47
N PRO A 336 13.37 -2.78 -6.57
CA PRO A 336 14.84 -2.79 -6.60
C PRO A 336 15.55 -1.52 -6.13
N GLY A 337 16.57 -1.69 -5.31
CA GLY A 337 17.34 -0.55 -4.82
C GLY A 337 16.96 0.01 -3.47
N GLU A 338 15.71 -0.18 -3.05
CA GLU A 338 15.27 0.33 -1.76
C GLU A 338 15.75 -0.51 -0.59
N ALA A 339 15.72 0.07 0.60
CA ALA A 339 16.17 -0.59 1.81
C ALA A 339 15.49 -1.94 2.04
N LEU A 340 14.17 -1.97 1.90
CA LEU A 340 13.42 -3.20 2.12
C LEU A 340 13.27 -4.03 0.85
N GLU A 341 14.16 -3.83 -0.11
CA GLU A 341 14.12 -4.57 -1.36
C GLU A 341 13.84 -6.06 -1.15
N SER A 342 12.89 -6.58 -1.94
CA SER A 342 12.49 -7.98 -1.89
C SER A 342 11.53 -8.17 -3.04
N PHE A 343 11.98 -7.74 -4.21
CA PHE A 343 11.21 -7.77 -5.44
C PHE A 343 10.88 -9.16 -5.97
N VAL A 344 9.60 -9.43 -6.17
CA VAL A 344 9.18 -10.72 -6.67
C VAL A 344 9.65 -10.88 -8.12
N GLN A 345 10.51 -11.87 -8.36
CA GLN A 345 11.05 -12.12 -9.69
C GLN A 345 10.00 -12.17 -10.80
N SER A 346 10.31 -11.55 -11.93
CA SER A 346 9.40 -11.47 -13.07
C SER A 346 8.82 -12.79 -13.58
N TRP A 347 9.60 -13.86 -13.52
CA TRP A 347 9.10 -15.14 -14.00
C TRP A 347 7.95 -15.65 -13.13
N PHE A 348 7.98 -15.29 -11.85
CA PHE A 348 6.97 -15.70 -10.88
C PHE A 348 5.87 -14.65 -10.69
N LYS A 349 6.13 -13.42 -11.15
CA LYS A 349 5.16 -12.32 -10.99
C LYS A 349 3.76 -12.61 -11.53
N PRO A 350 3.65 -13.25 -12.71
CA PRO A 350 2.28 -13.51 -13.20
C PRO A 350 1.53 -14.46 -12.27
N LEU A 351 2.25 -15.41 -11.68
CA LEU A 351 1.65 -16.38 -10.75
C LEU A 351 1.14 -15.63 -9.52
N ALA A 352 1.97 -14.77 -8.98
CA ALA A 352 1.62 -13.98 -7.80
C ALA A 352 0.37 -13.16 -8.06
N TYR A 353 0.31 -12.50 -9.22
CA TYR A 353 -0.86 -11.70 -9.55
C TYR A 353 -2.12 -12.56 -9.71
N ALA A 354 -1.96 -13.75 -10.24
CA ALA A 354 -3.10 -14.66 -10.40
C ALA A 354 -3.60 -15.07 -9.01
N LEU A 355 -2.65 -15.21 -8.08
CA LEU A 355 -2.95 -15.60 -6.71
C LEU A 355 -3.82 -14.55 -6.01
N ILE A 356 -3.49 -13.26 -6.16
CA ILE A 356 -4.27 -12.22 -5.50
C ILE A 356 -5.48 -11.72 -6.29
N LEU A 357 -5.49 -11.93 -7.59
CA LEU A 357 -6.60 -11.44 -8.41
C LEU A 357 -7.76 -12.39 -8.65
N THR A 358 -7.48 -13.68 -8.74
CA THR A 358 -8.55 -14.65 -9.01
C THR A 358 -9.10 -15.43 -7.82
N ARG A 359 -8.62 -15.11 -6.62
CA ARG A 359 -9.13 -15.78 -5.42
C ARG A 359 -10.16 -14.84 -4.78
N GLU A 360 -11.12 -15.40 -4.06
CA GLU A 360 -12.17 -14.58 -3.45
C GLU A 360 -11.75 -13.75 -2.24
N GLN A 361 -10.77 -14.24 -1.49
CA GLN A 361 -10.33 -13.49 -0.31
C GLN A 361 -9.35 -12.37 -0.65
N GLY A 362 -9.36 -11.32 0.18
CA GLY A 362 -8.47 -10.21 -0.04
C GLY A 362 -8.91 -9.19 -1.06
N TYR A 363 -8.40 -7.97 -0.90
CA TYR A 363 -8.67 -6.84 -1.79
C TYR A 363 -7.32 -6.58 -2.47
N PRO A 364 -7.18 -7.00 -3.73
CA PRO A 364 -5.95 -6.83 -4.51
C PRO A 364 -5.57 -5.43 -4.98
N SER A 365 -4.28 -5.21 -5.06
CA SER A 365 -3.70 -3.94 -5.49
C SER A 365 -2.65 -4.19 -6.56
N VAL A 366 -2.75 -3.48 -7.67
CA VAL A 366 -1.77 -3.61 -8.74
C VAL A 366 -0.72 -2.50 -8.59
N PHE A 367 0.54 -2.89 -8.65
CA PHE A 367 1.65 -1.96 -8.51
C PHE A 367 1.99 -1.26 -9.83
N TYR A 368 2.00 0.06 -9.83
CA TYR A 368 2.34 0.82 -11.03
C TYR A 368 3.68 0.32 -11.59
N GLY A 369 4.65 0.11 -10.71
CA GLY A 369 5.96 -0.37 -11.14
C GLY A 369 5.91 -1.68 -11.91
N ASP A 370 4.99 -2.56 -11.54
CA ASP A 370 4.84 -3.84 -12.21
C ASP A 370 4.10 -3.69 -13.53
N TYR A 371 3.01 -2.91 -13.49
CA TYR A 371 2.15 -2.69 -14.66
C TYR A 371 2.82 -1.93 -15.81
N TYR A 372 3.40 -0.78 -15.52
CA TYR A 372 4.05 0.03 -16.53
C TYR A 372 5.56 -0.13 -16.52
N GLY A 373 6.06 -0.91 -15.57
CA GLY A 373 7.50 -1.14 -15.47
C GLY A 373 8.26 -0.11 -14.66
N ILE A 374 9.54 -0.39 -14.41
CA ILE A 374 10.41 0.52 -13.68
C ILE A 374 11.65 0.68 -14.59
N PRO A 375 11.55 1.58 -15.58
CA PRO A 375 12.61 1.87 -16.55
C PRO A 375 14.00 2.06 -15.95
N THR A 376 14.09 2.69 -14.79
CA THR A 376 15.38 2.95 -14.15
C THR A 376 16.11 1.70 -13.67
N HIS A 377 15.38 0.61 -13.43
CA HIS A 377 16.00 -0.61 -12.95
C HIS A 377 15.72 -1.82 -13.83
N GLY A 378 15.58 -1.57 -15.13
CA GLY A 378 15.35 -2.63 -16.09
C GLY A 378 14.17 -3.56 -15.90
N VAL A 379 13.13 -3.12 -15.20
CA VAL A 379 11.96 -3.95 -14.97
C VAL A 379 10.92 -3.64 -16.06
N PRO A 380 10.78 -4.56 -17.03
CA PRO A 380 9.83 -4.39 -18.13
C PRO A 380 8.37 -4.28 -17.73
N SER A 381 7.57 -3.68 -18.61
CA SER A 381 6.14 -3.53 -18.40
C SER A 381 5.52 -4.92 -18.46
N MET A 382 4.72 -5.26 -17.46
CA MET A 382 4.09 -6.58 -17.45
C MET A 382 2.57 -6.51 -17.57
N LYS A 383 2.07 -5.42 -18.12
CA LYS A 383 0.63 -5.24 -18.29
C LYS A 383 0.05 -6.26 -19.27
N SER A 384 0.86 -6.70 -20.22
CA SER A 384 0.40 -7.68 -21.18
C SER A 384 0.07 -9.00 -20.51
N LYS A 385 0.68 -9.25 -19.36
CA LYS A 385 0.44 -10.48 -18.62
C LYS A 385 -0.55 -10.30 -17.48
N ILE A 386 -0.70 -9.05 -17.04
CA ILE A 386 -1.61 -8.72 -15.95
C ILE A 386 -3.01 -8.40 -16.45
N ASP A 387 -3.11 -7.82 -17.64
CA ASP A 387 -4.42 -7.46 -18.22
C ASP A 387 -5.38 -8.65 -18.28
N PRO A 388 -4.91 -9.80 -18.78
CA PRO A 388 -5.79 -10.98 -18.86
C PRO A 388 -6.21 -11.42 -17.46
N LEU A 389 -5.34 -11.23 -16.47
CA LEU A 389 -5.67 -11.62 -15.11
C LEU A 389 -6.71 -10.67 -14.52
N LEU A 390 -6.61 -9.39 -14.87
CA LEU A 390 -7.58 -8.41 -14.40
C LEU A 390 -8.91 -8.72 -15.08
N GLN A 391 -8.86 -9.17 -16.33
CA GLN A 391 -10.07 -9.52 -17.06
C GLN A 391 -10.75 -10.70 -16.36
N ALA A 392 -9.94 -11.68 -15.97
CA ALA A 392 -10.47 -12.85 -15.28
C ALA A 392 -11.15 -12.45 -13.97
N ARG A 393 -10.55 -11.50 -13.27
CA ARG A 393 -11.12 -11.04 -12.00
C ARG A 393 -12.40 -10.27 -12.23
N GLN A 394 -12.41 -9.44 -13.25
CA GLN A 394 -13.56 -8.61 -13.57
C GLN A 394 -14.82 -9.36 -14.01
N THR A 395 -14.66 -10.38 -14.86
CA THR A 395 -15.85 -11.07 -15.31
C THR A 395 -15.99 -12.56 -15.01
N TYR A 396 -14.93 -13.19 -14.52
CA TYR A 396 -15.00 -14.63 -14.24
C TYR A 396 -14.76 -15.09 -12.80
N ALA A 397 -14.06 -14.28 -12.01
CA ALA A 397 -13.77 -14.65 -10.61
C ALA A 397 -14.92 -14.39 -9.66
N TYR A 398 -15.94 -15.25 -9.72
CA TYR A 398 -17.11 -15.13 -8.88
C TYR A 398 -17.60 -16.49 -8.44
N GLY A 399 -18.39 -16.54 -7.38
CA GLY A 399 -18.94 -17.80 -6.90
C GLY A 399 -18.05 -18.66 -6.01
N THR A 400 -18.60 -19.79 -5.59
CA THR A 400 -17.93 -20.75 -4.72
C THR A 400 -16.54 -21.13 -5.20
N GLN A 401 -15.61 -21.20 -4.26
CA GLN A 401 -14.23 -21.53 -4.57
C GLN A 401 -13.77 -22.86 -3.98
N HIS A 402 -12.93 -23.57 -4.72
CA HIS A 402 -12.40 -24.86 -4.29
C HIS A 402 -10.89 -24.76 -4.41
N ASP A 403 -10.18 -25.14 -3.37
CA ASP A 403 -8.73 -25.06 -3.38
C ASP A 403 -8.02 -26.37 -3.55
N TYR A 404 -6.95 -26.34 -4.31
CA TYR A 404 -6.15 -27.52 -4.56
C TYR A 404 -4.68 -27.21 -4.33
N PHE A 405 -4.32 -26.90 -3.09
CA PHE A 405 -2.93 -26.63 -2.74
C PHE A 405 -2.39 -27.98 -2.27
N ASP A 406 -2.33 -28.93 -3.20
CA ASP A 406 -1.91 -30.28 -2.88
C ASP A 406 -0.68 -30.83 -3.61
N HIS A 407 0.25 -29.96 -3.97
CA HIS A 407 1.45 -30.41 -4.66
C HIS A 407 2.51 -29.32 -4.54
N HIS A 408 3.76 -29.73 -4.29
CA HIS A 408 4.87 -28.79 -4.12
C HIS A 408 5.18 -27.86 -5.29
N ASP A 409 4.68 -28.18 -6.48
CA ASP A 409 4.91 -27.37 -7.67
C ASP A 409 3.59 -26.85 -8.28
N ILE A 410 2.70 -27.78 -8.60
CA ILE A 410 1.42 -27.44 -9.22
C ILE A 410 0.25 -27.32 -8.26
N ILE A 411 -0.26 -26.10 -8.12
CA ILE A 411 -1.39 -25.81 -7.25
C ILE A 411 -2.44 -25.09 -8.09
N GLY A 412 -3.62 -24.89 -7.52
CA GLY A 412 -4.68 -24.21 -8.25
C GLY A 412 -5.95 -24.13 -7.46
N TRP A 413 -6.96 -23.49 -8.05
CA TRP A 413 -8.25 -23.34 -7.41
C TRP A 413 -9.27 -22.98 -8.47
N THR A 414 -10.54 -23.21 -8.16
CA THR A 414 -11.61 -22.91 -9.10
C THR A 414 -12.69 -22.03 -8.49
N ARG A 415 -13.51 -21.45 -9.36
CA ARG A 415 -14.62 -20.60 -8.97
C ARG A 415 -15.79 -21.06 -9.81
N GLU A 416 -16.91 -21.37 -9.17
CA GLU A 416 -18.10 -21.85 -9.88
C GLU A 416 -18.90 -20.74 -10.55
N GLY A 417 -18.51 -19.49 -10.32
CA GLY A 417 -19.23 -18.38 -10.91
C GLY A 417 -20.61 -18.27 -10.27
N ASP A 418 -21.33 -17.18 -10.57
CA ASP A 418 -22.67 -17.01 -10.02
C ASP A 418 -23.62 -16.39 -11.03
N SER A 419 -24.92 -16.55 -10.77
CA SER A 419 -25.96 -16.04 -11.66
C SER A 419 -25.88 -14.54 -11.93
N SER A 420 -25.25 -13.79 -11.04
CA SER A 420 -25.14 -12.34 -11.20
C SER A 420 -24.14 -11.92 -12.27
N HIS A 421 -23.23 -12.82 -12.65
CA HIS A 421 -22.22 -12.49 -13.66
C HIS A 421 -22.21 -13.54 -14.75
N PRO A 422 -22.72 -13.20 -15.95
CA PRO A 422 -22.77 -14.12 -17.08
C PRO A 422 -21.43 -14.75 -17.43
N ASN A 423 -21.47 -16.04 -17.75
CA ASN A 423 -20.28 -16.78 -18.13
C ASN A 423 -19.18 -16.80 -17.07
N SER A 424 -19.51 -16.41 -15.85
CA SER A 424 -18.50 -16.38 -14.80
C SER A 424 -18.09 -17.81 -14.40
N GLY A 425 -16.94 -17.90 -13.73
CA GLY A 425 -16.41 -19.20 -13.32
C GLY A 425 -15.04 -19.36 -13.92
N LEU A 426 -14.10 -19.93 -13.17
CA LEU A 426 -12.74 -20.11 -13.67
C LEU A 426 -11.96 -21.23 -12.99
N ALA A 427 -10.75 -21.46 -13.48
CA ALA A 427 -9.89 -22.48 -12.92
C ALA A 427 -8.45 -22.07 -13.17
N THR A 428 -7.81 -21.46 -12.18
CA THR A 428 -6.43 -21.07 -12.37
C THR A 428 -5.53 -22.17 -11.84
N ILE A 429 -4.42 -22.38 -12.53
CA ILE A 429 -3.45 -23.40 -12.15
C ILE A 429 -2.08 -22.81 -12.43
N MET A 430 -1.12 -23.14 -11.59
CA MET A 430 0.22 -22.60 -11.75
C MET A 430 1.26 -23.57 -11.22
N SER A 431 2.49 -23.39 -11.69
CA SER A 431 3.60 -24.24 -11.26
C SER A 431 4.86 -23.42 -11.16
N ASP A 432 5.57 -23.54 -10.04
CA ASP A 432 6.81 -22.82 -9.85
C ASP A 432 7.93 -23.75 -10.32
N GLY A 433 7.51 -24.88 -10.90
CA GLY A 433 8.45 -25.86 -11.41
C GLY A 433 7.94 -26.43 -12.72
N PRO A 434 8.32 -27.66 -13.08
CA PRO A 434 7.84 -28.26 -14.33
C PRO A 434 6.32 -28.15 -14.47
N GLY A 435 5.84 -28.01 -15.71
CA GLY A 435 4.42 -27.90 -15.94
C GLY A 435 3.73 -29.23 -15.72
N GLY A 436 2.42 -29.26 -15.90
CA GLY A 436 1.69 -30.50 -15.70
C GLY A 436 0.20 -30.28 -15.82
N ASN A 437 -0.56 -31.11 -15.12
CA ASN A 437 -2.02 -31.03 -15.17
C ASN A 437 -2.61 -31.34 -13.81
N LYS A 438 -3.86 -30.94 -13.62
CA LYS A 438 -4.55 -31.21 -12.36
C LYS A 438 -6.05 -31.24 -12.60
N TRP A 439 -6.71 -32.28 -12.10
CA TRP A 439 -8.16 -32.37 -12.23
C TRP A 439 -8.76 -31.47 -11.18
N MET A 440 -9.70 -30.61 -11.57
CA MET A 440 -10.33 -29.71 -10.61
C MET A 440 -11.82 -29.57 -10.91
N TYR A 441 -12.62 -29.39 -9.86
CA TYR A 441 -14.07 -29.26 -9.97
C TYR A 441 -14.49 -27.78 -10.12
N VAL A 442 -15.24 -27.48 -11.18
CA VAL A 442 -15.69 -26.12 -11.42
C VAL A 442 -17.21 -26.02 -11.28
N GLY A 443 -17.86 -27.15 -11.04
CA GLY A 443 -19.30 -27.17 -10.90
C GLY A 443 -19.95 -28.08 -11.93
N LYS A 444 -20.74 -29.04 -11.45
CA LYS A 444 -21.43 -29.98 -12.33
C LYS A 444 -22.29 -29.29 -13.39
N HIS A 445 -22.89 -28.16 -13.04
CA HIS A 445 -23.74 -27.44 -13.97
C HIS A 445 -22.98 -26.85 -15.16
N LYS A 446 -21.66 -27.03 -15.17
CA LYS A 446 -20.83 -26.53 -16.26
C LYS A 446 -20.46 -27.66 -17.22
N ALA A 447 -21.03 -28.85 -16.99
CA ALA A 447 -20.76 -30.01 -17.83
C ALA A 447 -20.94 -29.74 -19.32
N GLY A 448 -19.95 -30.12 -20.12
CA GLY A 448 -20.04 -29.92 -21.55
C GLY A 448 -19.41 -28.64 -22.08
N GLN A 449 -19.18 -27.68 -21.19
CA GLN A 449 -18.57 -26.43 -21.61
C GLN A 449 -17.14 -26.61 -22.11
N VAL A 450 -16.73 -25.70 -22.99
CA VAL A 450 -15.38 -25.74 -23.55
C VAL A 450 -14.64 -24.47 -23.08
N TRP A 451 -13.62 -24.68 -22.26
CA TRP A 451 -12.84 -23.57 -21.70
C TRP A 451 -11.50 -23.35 -22.41
N ARG A 452 -11.00 -22.11 -22.32
CA ARG A 452 -9.73 -21.72 -22.92
C ARG A 452 -8.89 -20.95 -21.91
N ASP A 453 -7.59 -20.84 -22.18
CA ASP A 453 -6.67 -20.14 -21.29
C ASP A 453 -6.64 -18.65 -21.61
N ILE A 454 -7.32 -17.86 -20.79
CA ILE A 454 -7.40 -16.42 -20.99
C ILE A 454 -6.03 -15.73 -21.03
N THR A 455 -5.01 -16.35 -20.44
CA THR A 455 -3.68 -15.75 -20.45
C THR A 455 -3.03 -16.03 -21.80
N GLY A 456 -3.54 -17.04 -22.50
CA GLY A 456 -3.00 -17.40 -23.79
C GLY A 456 -1.76 -18.26 -23.69
N ASN A 457 -1.32 -18.57 -22.47
CA ASN A 457 -0.13 -19.39 -22.28
C ASN A 457 -0.28 -20.80 -22.86
N ARG A 458 -1.45 -21.39 -22.67
CA ARG A 458 -1.76 -22.73 -23.20
C ARG A 458 -2.76 -22.49 -24.34
N SER A 459 -2.46 -23.02 -25.52
CA SER A 459 -3.30 -22.80 -26.70
C SER A 459 -4.51 -23.70 -26.96
N GLY A 460 -4.68 -24.77 -26.19
CA GLY A 460 -5.81 -25.64 -26.46
C GLY A 460 -7.07 -25.33 -25.67
N THR A 461 -8.01 -26.26 -25.66
CA THR A 461 -9.24 -26.08 -24.91
C THR A 461 -9.39 -27.23 -23.92
N VAL A 462 -10.15 -27.00 -22.87
CA VAL A 462 -10.38 -28.02 -21.85
C VAL A 462 -11.89 -28.17 -21.69
N THR A 463 -12.37 -29.41 -21.81
CA THR A 463 -13.80 -29.66 -21.68
C THR A 463 -14.13 -30.21 -20.29
N ILE A 464 -15.16 -29.65 -19.69
CA ILE A 464 -15.63 -30.07 -18.36
C ILE A 464 -16.50 -31.31 -18.52
N ASN A 465 -16.16 -32.39 -17.81
CA ASN A 465 -16.94 -33.63 -17.92
C ASN A 465 -18.31 -33.58 -17.26
N ALA A 466 -19.05 -34.68 -17.36
CA ALA A 466 -20.39 -34.79 -16.80
C ALA A 466 -20.46 -34.56 -15.29
N ASP A 467 -19.34 -34.74 -14.59
CA ASP A 467 -19.34 -34.53 -13.15
C ASP A 467 -18.86 -33.14 -12.77
N GLY A 468 -18.57 -32.32 -13.78
CA GLY A 468 -18.12 -30.96 -13.52
C GLY A 468 -16.63 -30.86 -13.23
N TRP A 469 -15.87 -31.86 -13.66
CA TRP A 469 -14.43 -31.86 -13.44
C TRP A 469 -13.67 -31.63 -14.75
N GLY A 470 -12.59 -30.86 -14.69
CA GLY A 470 -11.81 -30.60 -15.88
C GLY A 470 -10.34 -30.86 -15.59
N ASN A 471 -9.62 -31.41 -16.58
CA ASN A 471 -8.20 -31.68 -16.40
C ASN A 471 -7.46 -30.50 -17.02
N PHE A 472 -7.14 -29.52 -16.17
CA PHE A 472 -6.46 -28.31 -16.61
C PHE A 472 -4.95 -28.46 -16.69
N THR A 473 -4.34 -27.75 -17.63
CA THR A 473 -2.89 -27.83 -17.84
C THR A 473 -2.18 -26.50 -17.61
N VAL A 474 -0.85 -26.58 -17.44
CA VAL A 474 -0.03 -25.39 -17.21
C VAL A 474 1.40 -25.68 -17.66
N ASN A 475 2.11 -24.64 -18.10
CA ASN A 475 3.51 -24.82 -18.53
C ASN A 475 4.45 -24.62 -17.35
N GLY A 476 5.71 -25.00 -17.53
CA GLY A 476 6.67 -24.84 -16.45
C GLY A 476 6.84 -23.39 -16.06
N GLY A 477 6.97 -23.15 -14.76
CA GLY A 477 7.14 -21.80 -14.27
C GLY A 477 6.15 -20.81 -14.85
N ALA A 478 4.88 -21.18 -14.84
CA ALA A 478 3.85 -20.32 -15.39
C ALA A 478 2.48 -20.50 -14.74
N VAL A 479 1.52 -19.75 -15.26
CA VAL A 479 0.16 -19.80 -14.77
C VAL A 479 -0.79 -19.79 -15.94
N SER A 480 -1.92 -20.47 -15.77
CA SER A 480 -2.97 -20.54 -16.79
C SER A 480 -4.29 -20.37 -16.06
N VAL A 481 -5.17 -19.55 -16.62
CA VAL A 481 -6.48 -19.33 -16.02
C VAL A 481 -7.52 -19.67 -17.08
N TRP A 482 -8.13 -20.84 -16.93
CA TRP A 482 -9.13 -21.32 -17.88
C TRP A 482 -10.52 -20.78 -17.59
N VAL A 483 -11.20 -20.33 -18.65
CA VAL A 483 -12.54 -19.79 -18.53
C VAL A 483 -13.40 -20.25 -19.72
N LYS A 484 -14.72 -20.09 -19.61
CA LYS A 484 -15.63 -20.49 -20.68
C LYS A 484 -15.27 -19.75 -21.97
N GLN A 485 -14.95 -20.53 -23.00
CA GLN A 485 -14.57 -19.97 -24.30
C GLN A 485 -15.62 -19.01 -24.86
#